data_8S6F
#
_entry.id   8S6F
#
_cell.length_a   76.920
_cell.length_b   64.350
_cell.length_c   38.990
_cell.angle_alpha   90.00
_cell.angle_beta   115.72
_cell.angle_gamma   90.00
#
_symmetry.space_group_name_H-M   'C 1 2 1'
#
loop_
_entity.id
_entity.type
_entity.pdbx_description
1 polymer 'Protease 3C'
2 non-polymer 'methyl (4~{S})-4-[[(2~{S})-4-methyl-2-(phenylmethoxycarbonylamino)pentanoyl]amino]-5-[(3~{S})-2-oxidanylidenepyrrolidin-3-yl]pentanoate'
3 water water
#
_entity_poly.entity_id   1
_entity_poly.type   'polypeptide(L)'
_entity_poly.pdbx_seq_one_letter_code
;GPAFEFAVAMMKRNSSTVKTEYGEFTMLGIYDRWAVLPRHAKPGPTILMNDQEVGVLDAKELVDKDGTNLELTLLKLNRN
EKFRDIRGFLAKEEVEVNEAVLAINTSKFPNMYIPVGQVTEYGFLNLGGTPTKRMLMYNFPTRAGQCGGVLMSTGKVLGI
HVGGNGHQGFSAALLKHYFN
;
_entity_poly.pdbx_strand_id   A
#
# COMPACT_ATOMS: atom_id res chain seq x y z
N GLY A 1 1.08 -19.87 5.51
CA GLY A 1 2.43 -20.05 6.02
C GLY A 1 3.51 -19.37 5.19
N PRO A 2 3.72 -19.88 3.96
CA PRO A 2 4.74 -19.25 3.10
C PRO A 2 4.46 -17.79 2.78
N ALA A 3 3.19 -17.42 2.61
CA ALA A 3 2.86 -16.02 2.39
C ALA A 3 3.16 -15.18 3.63
N PHE A 4 3.07 -15.79 4.81
CA PHE A 4 3.39 -15.08 6.05
C PHE A 4 4.89 -14.83 6.15
N GLU A 5 5.71 -15.85 5.90
CA GLU A 5 7.16 -15.69 5.97
C GLU A 5 7.65 -14.68 4.94
N PHE A 6 7.02 -14.64 3.76
CA PHE A 6 7.43 -13.69 2.75
C PHE A 6 7.11 -12.26 3.16
N ALA A 7 5.98 -12.06 3.83
CA ALA A 7 5.58 -10.71 4.25
C ALA A 7 6.56 -10.16 5.28
N VAL A 8 6.89 -10.97 6.30
CA VAL A 8 7.80 -10.50 7.35
C VAL A 8 9.15 -10.11 6.76
N ALA A 9 9.65 -10.88 5.81
CA ALA A 9 10.91 -10.54 5.16
C ALA A 9 10.78 -9.24 4.37
N MET A 10 9.64 -9.05 3.70
CA MET A 10 9.48 -7.88 2.83
C MET A 10 9.30 -6.61 3.66
N MET A 11 8.56 -6.68 4.77
CA MET A 11 8.31 -5.48 5.57
C MET A 11 9.55 -5.04 6.34
N LYS A 12 10.37 -6.00 6.79
CA LYS A 12 11.64 -5.65 7.43
C LYS A 12 12.53 -4.85 6.49
N ARG A 13 12.49 -5.17 5.20
CA ARG A 13 13.43 -4.62 4.24
C ARG A 13 12.96 -3.29 3.66
N ASN A 14 11.68 -3.22 3.24
CA ASN A 14 11.21 -2.11 2.43
C ASN A 14 10.18 -1.21 3.10
N SER A 15 9.58 -1.62 4.21
CA SER A 15 8.50 -0.84 4.80
C SER A 15 9.01 0.06 5.93
N SER A 16 8.24 1.12 6.18
CA SER A 16 8.50 2.02 7.31
C SER A 16 7.16 2.57 7.78
N THR A 17 7.20 3.24 8.92
CA THR A 17 6.01 3.87 9.50
C THR A 17 6.05 5.36 9.24
N VAL A 18 4.99 5.89 8.61
CA VAL A 18 4.95 7.26 8.15
C VAL A 18 3.79 7.99 8.80
N LYS A 19 4.06 9.22 9.25
CA LYS A 19 3.05 10.11 9.78
C LYS A 19 2.93 11.33 8.87
N THR A 20 1.74 11.54 8.32
CA THR A 20 1.38 12.81 7.71
C THR A 20 0.48 13.58 8.67
N GLU A 21 0.15 14.82 8.29
CA GLU A 21 -0.79 15.58 9.10
C GLU A 21 -2.17 14.95 9.15
N TYR A 22 -2.43 13.94 8.32
CA TYR A 22 -3.72 13.26 8.27
C TYR A 22 -3.72 11.89 8.94
N GLY A 23 -2.59 11.43 9.46
CA GLY A 23 -2.56 10.22 10.26
C GLY A 23 -1.27 9.47 10.10
N GLU A 24 -1.24 8.29 10.72
CA GLU A 24 -0.10 7.37 10.68
C GLU A 24 -0.40 6.24 9.70
N PHE A 25 0.59 5.90 8.88
CA PHE A 25 0.38 4.95 7.79
C PHE A 25 1.60 4.03 7.65
N THR A 26 1.33 2.83 7.15
CA THR A 26 2.40 1.98 6.64
C THR A 26 2.80 2.48 5.26
N MET A 27 4.10 2.64 5.03
CA MET A 27 4.61 3.05 3.73
C MET A 27 5.55 1.97 3.19
N LEU A 28 5.41 1.68 1.90
CA LEU A 28 6.24 0.71 1.22
C LEU A 28 7.14 1.44 0.22
N GLY A 29 8.45 1.28 0.38
CA GLY A 29 9.38 1.77 -0.63
C GLY A 29 9.46 0.80 -1.79
N ILE A 30 9.55 1.34 -3.00
CA ILE A 30 9.47 0.57 -4.24
C ILE A 30 10.83 0.48 -4.93
N TYR A 31 11.41 1.64 -5.26
CA TYR A 31 12.71 1.69 -5.92
C TYR A 31 13.22 3.13 -5.85
N ASP A 32 14.54 3.28 -5.83
CA ASP A 32 15.21 4.59 -5.80
C ASP A 32 14.71 5.33 -4.56
N ARG A 33 14.03 6.46 -4.69
CA ARG A 33 13.43 7.16 -3.56
C ARG A 33 11.91 7.21 -3.67
N TRP A 34 11.32 6.35 -4.49
CA TRP A 34 9.88 6.35 -4.72
C TRP A 34 9.21 5.34 -3.80
N ALA A 35 8.21 5.80 -3.05
CA ALA A 35 7.40 4.97 -2.18
C ALA A 35 5.93 5.20 -2.52
N VAL A 36 5.06 4.43 -1.86
CA VAL A 36 3.63 4.50 -2.12
C VAL A 36 2.88 4.63 -0.80
N LEU A 37 1.91 5.53 -0.77
CA LEU A 37 0.98 5.70 0.32
C LEU A 37 -0.43 5.65 -0.25
N PRO A 38 -1.44 5.36 0.58
CA PRO A 38 -2.82 5.58 0.14
C PRO A 38 -3.04 7.06 -0.14
N ARG A 39 -3.90 7.34 -1.11
CA ARG A 39 -4.13 8.72 -1.53
C ARG A 39 -4.59 9.57 -0.36
N HIS A 40 -5.44 9.01 0.52
CA HIS A 40 -5.99 9.78 1.62
C HIS A 40 -4.96 10.11 2.69
N ALA A 41 -3.74 9.55 2.61
CA ALA A 41 -2.68 9.98 3.51
C ALA A 41 -2.33 11.44 3.30
N LYS A 42 -2.52 11.95 2.08
CA LYS A 42 -2.32 13.34 1.69
C LYS A 42 -1.01 13.90 2.24
N PRO A 43 0.13 13.42 1.76
CA PRO A 43 1.41 13.89 2.31
C PRO A 43 1.69 15.32 1.89
N GLY A 44 2.26 16.09 2.81
CA GLY A 44 2.63 17.45 2.54
C GLY A 44 4.05 17.56 2.01
N PRO A 45 4.64 18.75 2.11
CA PRO A 45 6.04 18.91 1.66
C PRO A 45 7.03 18.11 2.50
N THR A 46 6.72 17.82 3.76
CA THR A 46 7.55 16.97 4.60
C THR A 46 6.67 15.94 5.28
N ILE A 47 7.20 14.73 5.46
CA ILE A 47 6.53 13.68 6.20
C ILE A 47 7.43 13.26 7.35
N LEU A 48 6.82 12.57 8.32
CA LEU A 48 7.55 11.94 9.41
C LEU A 48 7.69 10.46 9.07
N MET A 49 8.92 9.98 8.95
CA MET A 49 9.18 8.63 8.49
C MET A 49 10.18 7.99 9.44
N ASN A 50 9.73 6.95 10.15
CA ASN A 50 10.47 6.38 11.26
C ASN A 50 10.84 7.47 12.26
N ASP A 51 9.89 8.36 12.54
CA ASP A 51 9.98 9.42 13.54
C ASP A 51 11.01 10.49 13.19
N GLN A 52 11.43 10.61 11.93
CA GLN A 52 12.29 11.69 11.50
C GLN A 52 11.69 12.39 10.29
N GLU A 53 11.88 13.71 10.23
CA GLU A 53 11.30 14.53 9.17
C GLU A 53 12.01 14.29 7.84
N VAL A 54 11.23 14.04 6.80
CA VAL A 54 11.75 13.78 5.47
C VAL A 54 11.00 14.64 4.46
N GLY A 55 11.73 15.41 3.66
CA GLY A 55 11.10 16.23 2.65
C GLY A 55 10.58 15.41 1.49
N VAL A 56 9.49 15.90 0.89
CA VAL A 56 8.85 15.24 -0.24
C VAL A 56 9.18 16.02 -1.51
N LEU A 57 9.88 15.36 -2.43
CA LEU A 57 10.30 16.02 -3.67
C LEU A 57 9.21 16.05 -4.73
N ASP A 58 8.33 15.06 -4.75
CA ASP A 58 7.21 15.02 -5.67
C ASP A 58 6.15 14.08 -5.13
N ALA A 59 4.91 14.33 -5.51
CA ALA A 59 3.78 13.49 -5.11
C ALA A 59 2.82 13.37 -6.28
N LYS A 60 2.55 12.14 -6.71
CA LYS A 60 1.69 11.88 -7.86
C LYS A 60 0.45 11.12 -7.38
N GLU A 61 -0.70 11.79 -7.41
CA GLU A 61 -1.96 11.15 -7.09
C GLU A 61 -2.43 10.36 -8.31
N LEU A 62 -2.36 9.04 -8.22
CA LEU A 62 -2.54 8.20 -9.39
C LEU A 62 -3.99 8.17 -9.85
N VAL A 63 -4.17 8.16 -11.18
CA VAL A 63 -5.48 8.24 -11.79
C VAL A 63 -5.40 7.53 -13.14
N ASP A 64 -6.47 6.85 -13.54
CA ASP A 64 -6.45 6.09 -14.77
C ASP A 64 -6.62 7.02 -15.97
N LYS A 65 -6.73 6.44 -17.17
CA LYS A 65 -6.73 7.25 -18.39
C LYS A 65 -7.97 8.14 -18.51
N ASP A 66 -9.04 7.84 -17.78
CA ASP A 66 -10.23 8.68 -17.79
C ASP A 66 -10.36 9.52 -16.52
N GLY A 67 -9.31 9.59 -15.70
CA GLY A 67 -9.34 10.40 -14.51
C GLY A 67 -9.98 9.76 -13.30
N THR A 68 -10.23 8.46 -13.33
CA THR A 68 -10.84 7.77 -12.20
C THR A 68 -9.80 7.55 -11.09
N ASN A 69 -10.21 7.83 -9.86
CA ASN A 69 -9.32 7.68 -8.71
C ASN A 69 -8.82 6.25 -8.60
N LEU A 70 -7.56 6.10 -8.22
CA LEU A 70 -6.96 4.82 -7.90
C LEU A 70 -6.57 4.71 -6.44
N GLU A 71 -6.77 5.78 -5.65
CA GLU A 71 -6.51 5.78 -4.22
C GLU A 71 -5.05 5.48 -3.90
N LEU A 72 -4.13 5.90 -4.77
CA LEU A 72 -2.71 5.72 -4.57
C LEU A 72 -1.98 7.04 -4.78
N THR A 73 -1.02 7.32 -3.90
CA THR A 73 -0.13 8.48 -4.06
C THR A 73 1.31 8.00 -4.06
N LEU A 74 2.04 8.37 -5.10
CA LEU A 74 3.45 8.04 -5.23
C LEU A 74 4.28 9.26 -4.85
N LEU A 75 5.24 9.08 -3.95
CA LEU A 75 6.08 10.20 -3.51
C LEU A 75 7.56 9.86 -3.65
N LYS A 76 8.32 10.84 -4.12
CA LYS A 76 9.78 10.76 -4.15
C LYS A 76 10.32 11.50 -2.92
N LEU A 77 11.16 10.81 -2.14
CA LEU A 77 11.62 11.33 -0.86
C LEU A 77 13.00 11.96 -1.01
N ASN A 78 13.19 13.11 -0.34
CA ASN A 78 14.46 13.82 -0.33
C ASN A 78 15.37 13.14 0.70
N ARG A 79 15.94 12.00 0.30
CA ARG A 79 16.82 11.26 1.18
C ARG A 79 17.83 10.47 0.35
N ASN A 80 18.94 10.12 0.99
CA ASN A 80 20.07 9.51 0.30
C ASN A 80 19.95 8.00 0.18
N GLU A 81 19.36 7.33 1.16
CA GLU A 81 19.26 5.88 1.11
C GLU A 81 18.22 5.46 0.08
N LYS A 82 18.63 4.58 -0.84
CA LYS A 82 17.75 4.08 -1.87
C LYS A 82 16.99 2.86 -1.37
N PHE A 83 15.76 2.71 -1.86
CA PHE A 83 14.96 1.54 -1.56
C PHE A 83 15.45 0.33 -2.35
N ARG A 84 15.25 -0.85 -1.78
CA ARG A 84 15.55 -2.08 -2.49
C ARG A 84 14.51 -2.24 -3.61
N ASP A 85 14.98 -2.40 -4.84
CA ASP A 85 14.08 -2.47 -6.00
C ASP A 85 13.17 -3.70 -5.91
N ILE A 86 11.89 -3.48 -5.60
CA ILE A 86 10.92 -4.57 -5.50
C ILE A 86 9.94 -4.55 -6.68
N ARG A 87 10.27 -3.82 -7.74
CA ARG A 87 9.36 -3.72 -8.88
C ARG A 87 9.15 -5.07 -9.55
N GLY A 88 10.12 -5.98 -9.44
CA GLY A 88 9.92 -7.34 -9.94
C GLY A 88 8.87 -8.11 -9.19
N PHE A 89 8.52 -7.68 -7.98
CA PHE A 89 7.42 -8.25 -7.22
C PHE A 89 6.08 -7.61 -7.55
N LEU A 90 6.07 -6.59 -8.40
CA LEU A 90 4.85 -5.91 -8.80
C LEU A 90 4.35 -6.50 -10.12
N ALA A 91 3.08 -6.85 -10.16
CA ALA A 91 2.53 -7.47 -11.36
C ALA A 91 2.14 -6.41 -12.39
N LYS A 92 1.88 -6.89 -13.60
CA LYS A 92 1.44 -6.03 -14.69
C LYS A 92 -0.05 -5.79 -14.67
N GLU A 93 -0.82 -6.63 -13.98
CA GLU A 93 -2.26 -6.44 -13.85
C GLU A 93 -2.70 -6.96 -12.49
N GLU A 94 -3.98 -6.72 -12.18
CA GLU A 94 -4.52 -7.04 -10.86
C GLU A 94 -4.38 -8.53 -10.57
N VAL A 95 -3.78 -8.84 -9.42
CA VAL A 95 -3.43 -10.21 -9.04
C VAL A 95 -4.53 -10.81 -8.17
N GLU A 96 -4.86 -12.07 -8.44
CA GLU A 96 -5.71 -12.87 -7.59
C GLU A 96 -4.90 -14.02 -7.01
N VAL A 97 -5.07 -14.29 -5.72
CA VAL A 97 -4.44 -15.43 -5.05
C VAL A 97 -5.45 -16.09 -4.13
N ASN A 98 -5.14 -17.31 -3.72
CA ASN A 98 -5.98 -18.04 -2.78
C ASN A 98 -5.60 -17.78 -1.33
N GLU A 99 -4.34 -17.47 -1.07
CA GLU A 99 -3.86 -17.24 0.30
C GLU A 99 -2.96 -16.01 0.29
N ALA A 100 -3.43 -14.92 0.90
CA ALA A 100 -2.66 -13.71 1.02
C ALA A 100 -2.64 -13.25 2.47
N VAL A 101 -1.69 -12.36 2.77
CA VAL A 101 -1.58 -11.75 4.08
C VAL A 101 -1.49 -10.25 3.92
N LEU A 102 -2.08 -9.51 4.85
CA LEU A 102 -1.95 -8.07 4.93
C LEU A 102 -1.02 -7.73 6.09
N ALA A 103 0.01 -6.95 5.80
CA ALA A 103 1.06 -6.62 6.77
C ALA A 103 1.03 -5.13 7.09
N ILE A 104 1.14 -4.81 8.37
CA ILE A 104 0.93 -3.45 8.86
C ILE A 104 2.06 -3.11 9.83
N ASN A 105 2.52 -1.85 9.78
CA ASN A 105 3.65 -1.44 10.61
C ASN A 105 3.45 0.04 11.00
N THR A 106 2.64 0.25 12.04
CA THR A 106 2.43 1.56 12.63
C THR A 106 2.55 1.44 14.15
N SER A 107 2.42 2.57 14.84
CA SER A 107 2.45 2.54 16.30
C SER A 107 1.26 1.78 16.87
N LYS A 108 0.11 1.84 16.19
CA LYS A 108 -1.08 1.17 16.67
C LYS A 108 -1.07 -0.31 16.30
N PHE A 109 -0.57 -0.65 15.11
CA PHE A 109 -0.33 -2.04 14.71
C PHE A 109 1.14 -2.18 14.33
N PRO A 110 2.02 -2.50 15.28
CA PRO A 110 3.44 -2.70 14.94
C PRO A 110 3.70 -4.12 14.44
N ASN A 111 4.31 -4.22 13.25
CA ASN A 111 4.53 -5.48 12.54
C ASN A 111 3.41 -6.48 12.76
N MET A 112 2.19 -6.11 12.44
CA MET A 112 1.02 -6.97 12.60
C MET A 112 0.66 -7.59 11.25
N TYR A 113 0.33 -8.89 11.28
CA TYR A 113 0.04 -9.61 10.05
C TYR A 113 -1.35 -10.24 10.14
N ILE A 114 -1.89 -10.55 8.96
CA ILE A 114 -3.34 -10.67 8.78
C ILE A 114 -3.65 -11.77 7.78
N PRO A 115 -4.43 -12.78 8.15
CA PRO A 115 -4.83 -13.82 7.18
C PRO A 115 -6.11 -13.44 6.40
N VAL A 116 -5.94 -12.59 5.38
CA VAL A 116 -7.08 -12.20 4.55
C VAL A 116 -7.65 -13.36 3.75
N GLY A 117 -6.85 -14.39 3.48
CA GLY A 117 -7.35 -15.49 2.68
C GLY A 117 -7.40 -15.12 1.21
N GLN A 118 -8.53 -15.42 0.57
CA GLN A 118 -8.65 -15.28 -0.87
C GLN A 118 -8.74 -13.81 -1.27
N VAL A 119 -7.95 -13.43 -2.27
CA VAL A 119 -7.97 -12.09 -2.84
C VAL A 119 -8.46 -12.20 -4.28
N THR A 120 -9.45 -11.39 -4.64
CA THR A 120 -10.02 -11.37 -5.97
C THR A 120 -10.00 -9.94 -6.51
N GLU A 121 -9.99 -9.83 -7.84
CA GLU A 121 -10.08 -8.54 -8.50
C GLU A 121 -11.50 -8.01 -8.36
N TYR A 122 -11.66 -6.91 -7.61
CA TYR A 122 -12.98 -6.34 -7.40
C TYR A 122 -13.35 -5.36 -8.51
N GLY A 123 -12.45 -4.43 -8.83
CA GLY A 123 -12.70 -3.48 -9.89
C GLY A 123 -13.19 -2.13 -9.39
N PHE A 124 -14.34 -1.69 -9.89
CA PHE A 124 -14.88 -0.40 -9.49
C PHE A 124 -15.45 -0.48 -8.08
N LEU A 125 -15.29 0.61 -7.34
CA LEU A 125 -15.83 0.71 -5.99
C LEU A 125 -16.05 2.17 -5.63
N ASN A 126 -17.24 2.50 -5.16
CA ASN A 126 -17.49 3.81 -4.57
C ASN A 126 -16.90 3.79 -3.16
N LEU A 127 -15.71 4.36 -3.02
CA LEU A 127 -14.93 4.29 -1.79
C LEU A 127 -14.97 5.65 -1.10
N GLY A 128 -15.76 5.76 -0.04
CA GLY A 128 -15.88 7.01 0.68
C GLY A 128 -16.42 8.14 -0.17
N GLY A 129 -17.39 7.87 -1.03
CA GLY A 129 -17.94 8.87 -1.92
C GLY A 129 -17.08 9.18 -3.13
N THR A 130 -16.03 8.41 -3.37
CA THR A 130 -15.14 8.64 -4.50
C THR A 130 -15.14 7.43 -5.41
N PRO A 131 -15.59 7.55 -6.66
CA PRO A 131 -15.46 6.43 -7.60
C PRO A 131 -13.99 6.04 -7.77
N THR A 132 -13.71 4.75 -7.56
CA THR A 132 -12.35 4.25 -7.56
C THR A 132 -12.32 2.94 -8.32
N LYS A 133 -11.18 2.63 -8.94
CA LYS A 133 -11.04 1.45 -9.77
C LYS A 133 -9.80 0.67 -9.39
N ARG A 134 -9.66 -0.51 -9.99
CA ARG A 134 -8.52 -1.40 -9.77
C ARG A 134 -8.42 -1.86 -8.32
N MET A 135 -9.57 -2.03 -7.67
CA MET A 135 -9.61 -2.51 -6.29
C MET A 135 -9.47 -4.03 -6.23
N LEU A 136 -8.72 -4.50 -5.23
CA LEU A 136 -8.66 -5.90 -4.87
C LEU A 136 -9.42 -6.10 -3.56
N MET A 137 -10.13 -7.22 -3.46
CA MET A 137 -11.04 -7.45 -2.35
C MET A 137 -10.64 -8.71 -1.59
N TYR A 138 -10.78 -8.65 -0.27
CA TYR A 138 -10.59 -9.80 0.59
C TYR A 138 -11.66 -9.78 1.66
N ASN A 139 -11.94 -10.95 2.23
CA ASN A 139 -12.99 -11.10 3.23
C ASN A 139 -12.32 -11.19 4.59
N PHE A 140 -12.07 -10.04 5.19
CA PHE A 140 -11.48 -9.94 6.50
C PHE A 140 -12.13 -8.70 7.11
N PRO A 141 -12.53 -8.74 8.38
CA PRO A 141 -12.95 -7.48 9.00
C PRO A 141 -11.79 -6.55 9.29
N THR A 142 -11.42 -5.77 8.29
CA THR A 142 -10.33 -4.82 8.36
C THR A 142 -10.75 -3.54 9.10
N ARG A 143 -9.79 -2.92 9.77
CA ARG A 143 -10.04 -1.84 10.71
C ARG A 143 -9.41 -0.53 10.23
N ALA A 144 -9.80 0.56 10.91
CA ALA A 144 -9.13 1.83 10.71
C ALA A 144 -7.73 1.80 11.31
N GLY A 145 -6.86 2.67 10.81
CA GLY A 145 -5.45 2.62 11.13
C GLY A 145 -4.68 1.58 10.35
N GLN A 146 -5.32 0.85 9.44
CA GLN A 146 -4.69 -0.21 8.67
C GLN A 146 -4.35 0.18 7.23
N CYS A 147 -4.77 1.36 6.79
CA CYS A 147 -4.49 1.80 5.43
C CYS A 147 -3.00 1.98 5.25
N GLY A 148 -2.50 1.63 4.06
CA GLY A 148 -1.08 1.57 3.82
C GLY A 148 -0.48 0.19 4.01
N GLY A 149 -1.20 -0.71 4.68
CA GLY A 149 -0.73 -2.07 4.81
C GLY A 149 -0.55 -2.73 3.45
N VAL A 150 0.43 -3.63 3.38
CA VAL A 150 0.88 -4.20 2.11
C VAL A 150 0.28 -5.59 1.96
N LEU A 151 -0.52 -5.76 0.91
CA LEU A 151 -1.15 -7.04 0.60
C LEU A 151 -0.16 -7.92 -0.16
N MET A 152 0.12 -9.11 0.37
CA MET A 152 1.09 -9.99 -0.28
C MET A 152 0.65 -11.45 -0.19
N SER A 153 1.06 -12.23 -1.19
CA SER A 153 1.15 -13.67 -1.14
C SER A 153 2.61 -14.05 -1.36
N THR A 154 2.90 -15.35 -1.33
CA THR A 154 4.29 -15.81 -1.48
C THR A 154 4.89 -15.33 -2.80
N GLY A 155 5.90 -14.48 -2.69
CA GLY A 155 6.60 -13.97 -3.86
C GLY A 155 5.90 -12.83 -4.59
N LYS A 156 4.87 -12.23 -4.00
CA LYS A 156 4.08 -11.22 -4.70
C LYS A 156 3.70 -10.10 -3.76
N VAL A 157 3.70 -8.87 -4.28
CA VAL A 157 3.11 -7.72 -3.61
C VAL A 157 1.89 -7.32 -4.44
N LEU A 158 0.70 -7.53 -3.87
CA LEU A 158 -0.55 -7.34 -4.60
C LEU A 158 -1.01 -5.89 -4.63
N GLY A 159 -0.98 -5.19 -3.49
CA GLY A 159 -1.41 -3.81 -3.50
C GLY A 159 -1.30 -3.20 -2.12
N ILE A 160 -1.99 -2.07 -1.95
CA ILE A 160 -1.98 -1.29 -0.72
C ILE A 160 -3.40 -1.21 -0.19
N HIS A 161 -3.56 -1.53 1.10
CA HIS A 161 -4.88 -1.46 1.72
C HIS A 161 -5.35 -0.02 1.80
N VAL A 162 -6.60 0.23 1.39
CA VAL A 162 -7.15 1.59 1.36
C VAL A 162 -8.50 1.72 2.03
N GLY A 163 -9.24 0.64 2.26
CA GLY A 163 -10.54 0.81 2.88
C GLY A 163 -11.22 -0.51 3.18
N GLY A 164 -12.37 -0.40 3.82
CA GLY A 164 -13.17 -1.56 4.15
C GLY A 164 -14.43 -1.21 4.92
N ASN A 165 -15.47 -2.02 4.75
CA ASN A 165 -16.70 -1.81 5.52
C ASN A 165 -16.55 -2.41 6.90
N GLY A 166 -17.46 -3.30 7.27
CA GLY A 166 -17.32 -4.00 8.53
C GLY A 166 -16.55 -5.30 8.38
N HIS A 167 -16.80 -6.03 7.28
CA HIS A 167 -16.33 -7.40 7.13
C HIS A 167 -15.68 -7.64 5.78
N GLN A 168 -15.22 -6.59 5.10
CA GLN A 168 -14.53 -6.69 3.84
C GLN A 168 -13.33 -5.75 3.84
N GLY A 169 -12.31 -6.13 3.08
CA GLY A 169 -11.13 -5.30 2.92
C GLY A 169 -10.89 -5.02 1.45
N PHE A 170 -10.31 -3.86 1.16
CA PHE A 170 -10.11 -3.44 -0.22
C PHE A 170 -8.71 -2.86 -0.39
N SER A 171 -8.01 -3.31 -1.42
CA SER A 171 -6.66 -2.87 -1.72
C SER A 171 -6.62 -2.25 -3.11
N ALA A 172 -5.80 -1.22 -3.26
CA ALA A 172 -5.50 -0.66 -4.58
C ALA A 172 -4.35 -1.46 -5.19
N ALA A 173 -4.60 -2.05 -6.35
CA ALA A 173 -3.58 -2.86 -7.01
C ALA A 173 -2.32 -2.05 -7.28
N LEU A 174 -1.18 -2.60 -6.90
CA LEU A 174 0.12 -1.93 -7.06
C LEU A 174 0.76 -2.52 -8.31
N LEU A 175 0.60 -1.83 -9.44
CA LEU A 175 0.95 -2.35 -10.74
C LEU A 175 2.33 -1.87 -11.18
N LYS A 176 2.97 -2.67 -12.03
CA LYS A 176 4.37 -2.43 -12.38
C LYS A 176 4.56 -1.13 -13.15
N HIS A 177 3.67 -0.84 -14.10
CA HIS A 177 3.85 0.33 -14.95
C HIS A 177 3.65 1.64 -14.21
N TYR A 178 3.20 1.60 -12.96
CA TYR A 178 3.11 2.81 -12.15
C TYR A 178 4.49 3.42 -11.90
N PHE A 179 5.53 2.58 -11.90
CA PHE A 179 6.88 3.05 -11.62
C PHE A 179 7.78 2.81 -12.83
N ASN A 180 7.39 3.37 -13.98
CA ASN A 180 8.12 3.21 -15.24
C ASN A 180 8.19 1.74 -15.65
#